data_4OVJ
#
_entry.id   4OVJ
#
_cell.length_a   59.716
_cell.length_b   38.819
_cell.length_c   82.456
_cell.angle_alpha   90.000
_cell.angle_beta   92.150
_cell.angle_gamma   90.000
#
_symmetry.space_group_name_H-M   'P 1 21 1'
#
loop_
_entity.id
_entity.type
_entity.pdbx_description
1 polymer 'Extracellular solute-binding protein family 1'
2 non-polymer 'SULFATE ION'
3 water water
#
_entity_poly.entity_id   1
_entity_poly.type   'polypeptide(L)'
_entity_poly.pdbx_seq_one_letter_code
;SNAQGGSSGSQAGQAAGSADSKPVVTLTFGFWGDAKEEAVTLAAVKAFEKAYPNIHIQTEFGGPFNQYFTKLSTEVAGGN
APDI(MSE)Q(MSE)DYEYIDAYAKEGQLLNLKGAKGINISTISPSVLKSGYIDGGLYGIPNALNNYAVIYDEAAFAKAG
YHGQRVSWQQWADILEKVHKATGKWAENDDESWQTFGYWARQHGQHLYNASGTKLGFTESTLVSYLNYWANLRKEGVVPP
GTVTSLIKQTADPTDP(MSE)VQGKSDAELTWVNYVVSLQSE(MSE)TRSLALALPPTQPGGEEGLYIKPSQFWSIYSKT
KYPQQAELFVNFLLNNVQAGKALGLVRGIPVSSSVRTQL(MSE)ASGTSAPEKAEFQLVNEALKVATPIDPPPPQHDKEI
DQDFAN(MSE)VQAVQYGKETPQQGAEQF(MSE)QEANDLLQNGGE
;
_entity_poly.pdbx_strand_id   A
#
# COMPACT_ATOMS: atom_id res chain seq x y z
N ASP A 20 -28.27 -20.49 0.61
CA ASP A 20 -28.48 -20.75 2.06
C ASP A 20 -29.96 -20.62 2.46
N SER A 21 -30.39 -21.49 3.37
CA SER A 21 -31.79 -21.57 3.83
C SER A 21 -31.89 -21.60 5.36
N LYS A 22 -31.36 -20.58 6.00
CA LYS A 22 -31.56 -20.36 7.44
C LYS A 22 -32.52 -19.21 7.63
N PRO A 23 -33.10 -19.09 8.84
CA PRO A 23 -33.98 -17.96 9.11
C PRO A 23 -33.29 -16.61 8.89
N VAL A 24 -34.10 -15.64 8.50
CA VAL A 24 -33.63 -14.32 8.18
C VAL A 24 -32.98 -13.65 9.40
N VAL A 25 -31.86 -12.98 9.14
CA VAL A 25 -31.15 -12.21 10.16
C VAL A 25 -30.72 -10.90 9.56
N THR A 26 -30.38 -9.95 10.42
CA THR A 26 -29.82 -8.66 10.01
C THR A 26 -28.43 -8.48 10.63
N LEU A 27 -27.48 -8.09 9.77
CA LEU A 27 -26.14 -7.73 10.19
C LEU A 27 -25.97 -6.23 10.05
N THR A 28 -25.37 -5.60 11.05
CA THR A 28 -24.95 -4.19 10.93
C THR A 28 -23.52 -4.13 10.39
N PHE A 29 -23.23 -3.10 9.60
CA PHE A 29 -21.97 -2.99 8.86
C PHE A 29 -21.48 -1.55 8.92
N GLY A 30 -20.45 -1.32 9.71
CA GLY A 30 -19.83 -0.02 9.85
C GLY A 30 -18.65 0.16 8.91
N PHE A 31 -18.56 1.32 8.28
CA PHE A 31 -17.41 1.63 7.44
C PHE A 31 -17.23 3.12 7.32
N TRP A 32 -16.04 3.54 6.90
CA TRP A 32 -15.72 4.94 6.66
C TRP A 32 -15.43 5.14 5.19
N GLY A 33 -15.40 6.40 4.79
CA GLY A 33 -14.96 6.73 3.46
C GLY A 33 -15.39 8.11 3.03
N ASP A 34 -14.93 8.50 1.85
CA ASP A 34 -15.46 9.67 1.18
C ASP A 34 -16.75 9.29 0.41
N ALA A 35 -17.29 10.22 -0.36
CA ALA A 35 -18.55 9.97 -1.04
C ALA A 35 -18.45 8.81 -2.06
N LYS A 36 -17.34 8.73 -2.77
CA LYS A 36 -17.14 7.69 -3.77
C LYS A 36 -17.05 6.31 -3.11
N GLU A 37 -16.30 6.24 -2.01
CA GLU A 37 -16.19 5.01 -1.24
C GLU A 37 -17.54 4.58 -0.67
N GLU A 38 -18.32 5.54 -0.16
CA GLU A 38 -19.68 5.23 0.31
C GLU A 38 -20.53 4.64 -0.82
N ALA A 39 -20.51 5.26 -1.98
CA ALA A 39 -21.34 4.81 -3.09
C ALA A 39 -21.01 3.38 -3.51
N VAL A 40 -19.73 3.06 -3.70
CA VAL A 40 -19.38 1.73 -4.19
C VAL A 40 -19.68 0.66 -3.13
N THR A 41 -19.56 1.04 -1.87
CA THR A 41 -19.82 0.11 -0.77
C THR A 41 -21.31 -0.19 -0.70
N LEU A 42 -22.14 0.82 -0.86
CA LEU A 42 -23.58 0.60 -0.93
C LEU A 42 -23.97 -0.24 -2.15
N ALA A 43 -23.26 -0.08 -3.26
CA ALA A 43 -23.53 -0.91 -4.43
C ALA A 43 -23.16 -2.37 -4.17
N ALA A 44 -22.07 -2.60 -3.42
CA ALA A 44 -21.69 -3.96 -3.09
C ALA A 44 -22.72 -4.61 -2.13
N VAL A 45 -23.22 -3.83 -1.19
CA VAL A 45 -24.27 -4.29 -0.27
C VAL A 45 -25.54 -4.62 -1.03
N LYS A 46 -25.90 -3.79 -2.01
CA LYS A 46 -27.06 -4.08 -2.86
C LYS A 46 -26.92 -5.44 -3.53
N ALA A 47 -25.75 -5.71 -4.08
CA ALA A 47 -25.50 -6.99 -4.74
C ALA A 47 -25.58 -8.14 -3.75
N PHE A 48 -25.04 -7.95 -2.55
CA PHE A 48 -25.11 -8.98 -1.53
C PHE A 48 -26.55 -9.30 -1.13
N GLU A 49 -27.34 -8.27 -0.88
CA GLU A 49 -28.72 -8.46 -0.43
C GLU A 49 -29.57 -9.20 -1.49
N LYS A 50 -29.24 -9.02 -2.76
N LYS A 50 -29.24 -9.02 -2.76
CA LYS A 50 -29.88 -9.79 -3.83
CA LYS A 50 -29.88 -9.79 -3.83
C LYS A 50 -29.41 -11.24 -3.83
C LYS A 50 -29.41 -11.24 -3.83
N ALA A 51 -28.12 -11.45 -3.62
CA ALA A 51 -27.53 -12.79 -3.67
C ALA A 51 -27.89 -13.66 -2.45
N TYR A 52 -28.03 -13.01 -1.30
CA TYR A 52 -28.32 -13.67 -0.05
C TYR A 52 -29.54 -13.03 0.59
N PRO A 53 -30.73 -13.33 0.04
CA PRO A 53 -31.94 -12.62 0.49
C PRO A 53 -32.43 -12.97 1.89
N ASN A 54 -31.83 -13.95 2.56
CA ASN A 54 -32.15 -14.16 3.97
C ASN A 54 -31.20 -13.45 4.95
N ILE A 55 -30.41 -12.51 4.43
CA ILE A 55 -29.55 -11.70 5.26
C ILE A 55 -29.76 -10.24 4.88
N HIS A 56 -30.29 -9.46 5.81
CA HIS A 56 -30.33 -8.02 5.64
C HIS A 56 -29.02 -7.40 6.13
N ILE A 57 -28.57 -6.39 5.42
CA ILE A 57 -27.45 -5.58 5.87
C ILE A 57 -27.95 -4.19 6.22
N GLN A 58 -27.67 -3.78 7.46
CA GLN A 58 -27.94 -2.45 7.91
C GLN A 58 -26.63 -1.68 7.96
N THR A 59 -26.43 -0.78 7.00
CA THR A 59 -25.18 -0.04 6.95
C THR A 59 -25.16 1.06 8.01
N GLU A 60 -23.95 1.29 8.54
CA GLU A 60 -23.69 2.33 9.50
C GLU A 60 -22.46 3.08 8.98
N PHE A 61 -22.68 3.86 7.93
CA PHE A 61 -21.63 4.68 7.34
C PHE A 61 -21.27 5.76 8.35
N GLY A 62 -19.98 5.83 8.70
CA GLY A 62 -19.53 6.70 9.77
C GLY A 62 -18.87 7.97 9.31
N GLY A 63 -18.88 8.22 8.00
CA GLY A 63 -18.22 9.42 7.45
C GLY A 63 -16.74 9.19 7.22
N PRO A 64 -15.94 10.26 7.20
CA PRO A 64 -14.51 10.11 7.01
C PRO A 64 -13.82 9.34 8.16
N PHE A 65 -12.60 8.89 7.86
CA PHE A 65 -11.77 8.07 8.75
C PHE A 65 -11.82 8.48 10.22
N ASN A 66 -11.44 9.72 10.53
N ASN A 66 -11.44 9.71 10.53
CA ASN A 66 -11.34 10.12 11.92
CA ASN A 66 -11.30 10.10 11.93
C ASN A 66 -12.69 10.14 12.62
C ASN A 66 -12.65 10.11 12.65
N GLN A 67 -13.72 10.60 11.91
N GLN A 67 -13.68 10.57 11.96
CA GLN A 67 -15.07 10.64 12.46
CA GLN A 67 -15.01 10.62 12.56
C GLN A 67 -15.55 9.23 12.79
C GLN A 67 -15.53 9.22 12.81
N TYR A 68 -15.32 8.33 11.84
CA TYR A 68 -15.70 6.93 12.01
C TYR A 68 -15.05 6.31 13.23
N PHE A 69 -13.72 6.45 13.35
CA PHE A 69 -13.03 5.80 14.46
C PHE A 69 -13.32 6.43 15.80
N THR A 70 -13.54 7.74 15.81
CA THR A 70 -13.90 8.42 17.04
C THR A 70 -15.24 7.88 17.57
N LYS A 71 -16.23 7.78 16.70
N LYS A 71 -16.23 7.78 16.70
CA LYS A 71 -17.53 7.25 17.09
CA LYS A 71 -17.53 7.25 17.11
C LYS A 71 -17.46 5.76 17.40
C LYS A 71 -17.47 5.77 17.40
N LEU A 72 -16.73 5.01 16.59
CA LEU A 72 -16.65 3.55 16.77
C LEU A 72 -16.10 3.21 18.14
N SER A 73 -15.08 3.94 18.58
CA SER A 73 -14.49 3.67 19.89
C SER A 73 -15.55 3.74 21.00
N THR A 74 -16.36 4.79 20.97
N THR A 74 -16.37 4.78 20.99
CA THR A 74 -17.39 4.96 22.00
CA THR A 74 -17.39 4.94 22.03
C THR A 74 -18.53 3.95 21.86
C THR A 74 -18.53 3.92 21.87
N GLU A 75 -18.92 3.62 20.63
CA GLU A 75 -20.01 2.65 20.39
C GLU A 75 -19.59 1.24 20.81
N VAL A 76 -18.37 0.85 20.44
CA VAL A 76 -17.87 -0.48 20.78
C VAL A 76 -17.74 -0.63 22.28
N ALA A 77 -17.16 0.36 22.94
CA ALA A 77 -17.00 0.30 24.40
C ALA A 77 -18.35 0.11 25.10
N GLY A 78 -19.40 0.68 24.52
CA GLY A 78 -20.75 0.61 25.10
C GLY A 78 -21.64 -0.54 24.67
N GLY A 79 -21.07 -1.54 24.00
CA GLY A 79 -21.84 -2.74 23.59
C GLY A 79 -22.57 -2.59 22.26
N ASN A 80 -22.34 -1.49 21.54
CA ASN A 80 -23.07 -1.23 20.30
C ASN A 80 -22.23 -1.44 19.03
N ALA A 81 -21.23 -2.33 19.09
CA ALA A 81 -20.41 -2.58 17.91
C ALA A 81 -21.24 -3.12 16.75
N PRO A 82 -20.94 -2.68 15.52
CA PRO A 82 -21.57 -3.34 14.38
C PRO A 82 -21.03 -4.74 14.21
N ASP A 83 -21.82 -5.62 13.60
CA ASP A 83 -21.38 -7.00 13.34
C ASP A 83 -20.16 -7.08 12.45
N ILE A 84 -20.13 -6.25 11.41
N ILE A 84 -20.13 -6.22 11.44
CA ILE A 84 -18.97 -6.16 10.53
CA ILE A 84 -19.00 -6.12 10.52
C ILE A 84 -18.43 -4.73 10.60
C ILE A 84 -18.43 -4.72 10.66
N GLN A 86 -15.33 -2.18 9.16
CA GLN A 86 -14.16 -1.83 8.39
C GLN A 86 -13.09 -1.39 9.41
N ASP A 88 -8.73 -0.49 10.25
CA ASP A 88 -7.49 0.04 9.73
C ASP A 88 -6.29 -0.56 10.47
N TYR A 89 -5.18 -0.68 9.75
CA TYR A 89 -3.93 -1.22 10.31
C TYR A 89 -3.50 -0.51 11.59
N GLU A 90 -3.72 0.80 11.66
CA GLU A 90 -3.38 1.59 12.85
C GLU A 90 -4.10 1.16 14.13
N TYR A 91 -5.33 0.67 14.00
CA TYR A 91 -6.19 0.41 15.14
C TYR A 91 -6.48 -1.06 15.43
N ILE A 92 -6.10 -1.95 14.54
CA ILE A 92 -6.50 -3.34 14.67
C ILE A 92 -5.91 -3.98 15.94
N ASP A 93 -4.68 -3.62 16.30
CA ASP A 93 -4.06 -4.20 17.51
C ASP A 93 -4.91 -3.86 18.73
N ALA A 94 -5.30 -2.60 18.84
CA ALA A 94 -6.06 -2.13 20.01
C ALA A 94 -7.38 -2.88 20.14
N TYR A 95 -8.14 -2.93 19.03
CA TYR A 95 -9.44 -3.61 19.05
C TYR A 95 -9.30 -5.12 19.34
N ALA A 96 -8.28 -5.73 18.74
CA ALA A 96 -8.03 -7.17 18.89
C ALA A 96 -7.66 -7.51 20.33
N LYS A 97 -6.76 -6.72 20.91
CA LYS A 97 -6.27 -7.01 22.26
C LYS A 97 -7.34 -6.81 23.33
N GLU A 98 -8.27 -5.90 23.05
CA GLU A 98 -9.40 -5.67 23.96
C GLU A 98 -10.41 -6.79 23.88
N GLY A 99 -10.34 -7.62 22.83
CA GLY A 99 -11.28 -8.70 22.65
C GLY A 99 -12.55 -8.34 21.89
N GLN A 100 -12.49 -7.29 21.08
CA GLN A 100 -13.65 -6.80 20.35
C GLN A 100 -13.80 -7.45 18.95
N LEU A 101 -12.79 -8.17 18.50
CA LEU A 101 -12.76 -8.72 17.15
C LEU A 101 -12.74 -10.25 17.17
N LEU A 102 -13.58 -10.82 16.30
CA LEU A 102 -13.67 -12.25 16.13
C LEU A 102 -12.40 -12.80 15.50
N ASN A 103 -11.90 -13.89 16.06
CA ASN A 103 -10.77 -14.60 15.45
C ASN A 103 -11.26 -15.36 14.23
N LEU A 104 -10.76 -14.93 13.07
CA LEU A 104 -11.17 -15.47 11.77
C LEU A 104 -10.31 -16.63 11.30
N LYS A 105 -9.28 -16.98 12.07
CA LYS A 105 -8.39 -18.06 11.67
C LYS A 105 -9.19 -19.33 11.50
N GLY A 106 -9.05 -19.94 10.32
CA GLY A 106 -9.75 -21.18 10.02
C GLY A 106 -11.26 -21.08 9.90
N ALA A 107 -11.77 -19.86 9.73
CA ALA A 107 -13.22 -19.64 9.62
C ALA A 107 -13.75 -20.48 8.48
N LYS A 108 -14.78 -21.26 8.73
CA LYS A 108 -15.33 -22.16 7.72
C LYS A 108 -15.88 -21.42 6.49
N GLY A 109 -16.46 -20.24 6.70
CA GLY A 109 -17.14 -19.53 5.63
C GLY A 109 -16.33 -18.55 4.81
N ILE A 110 -15.06 -18.36 5.15
CA ILE A 110 -14.22 -17.40 4.43
C ILE A 110 -13.16 -18.14 3.62
N ASN A 111 -13.18 -17.93 2.32
CA ASN A 111 -12.20 -18.55 1.44
C ASN A 111 -10.97 -17.66 1.36
N ILE A 112 -9.92 -18.05 2.07
CA ILE A 112 -8.67 -17.29 2.07
C ILE A 112 -7.63 -17.88 1.14
N SER A 113 -8.01 -18.90 0.36
CA SER A 113 -7.11 -19.52 -0.61
C SER A 113 -6.76 -18.58 -1.76
N THR A 114 -7.55 -17.51 -1.90
CA THR A 114 -7.40 -16.50 -2.93
C THR A 114 -6.53 -15.33 -2.48
N ILE A 115 -6.03 -15.39 -1.24
CA ILE A 115 -5.29 -14.29 -0.64
C ILE A 115 -3.90 -14.80 -0.29
N SER A 116 -2.88 -13.98 -0.52
N SER A 116 -2.88 -13.99 -0.54
CA SER A 116 -1.52 -14.39 -0.24
CA SER A 116 -1.49 -14.36 -0.26
C SER A 116 -1.27 -14.48 1.26
C SER A 116 -1.24 -14.46 1.25
N PRO A 117 -0.51 -15.49 1.69
CA PRO A 117 -0.18 -15.60 3.11
C PRO A 117 0.47 -14.34 3.71
N SER A 118 1.38 -13.72 2.97
N SER A 118 1.38 -13.70 2.99
CA SER A 118 2.07 -12.51 3.44
CA SER A 118 2.05 -12.53 3.54
C SER A 118 1.08 -11.38 3.71
C SER A 118 1.11 -11.35 3.70
N VAL A 119 0.09 -11.27 2.84
CA VAL A 119 -0.99 -10.29 3.00
C VAL A 119 -1.85 -10.61 4.22
N LEU A 120 -2.24 -11.88 4.36
CA LEU A 120 -3.02 -12.29 5.54
C LEU A 120 -2.32 -11.99 6.86
N LYS A 121 -1.00 -12.11 6.87
N LYS A 121 -1.00 -12.12 6.88
CA LYS A 121 -0.20 -11.88 8.07
CA LYS A 121 -0.23 -11.89 8.12
C LYS A 121 -0.43 -10.49 8.67
C LYS A 121 -0.41 -10.48 8.68
N SER A 122 -0.74 -9.51 7.83
CA SER A 122 -1.02 -8.15 8.29
C SER A 122 -2.25 -8.04 9.21
N GLY A 123 -3.14 -9.03 9.15
CA GLY A 123 -4.33 -9.06 10.00
C GLY A 123 -4.15 -9.85 11.28
N TYR A 124 -2.95 -10.41 11.49
CA TYR A 124 -2.67 -11.24 12.66
C TYR A 124 -2.22 -10.40 13.85
N ILE A 125 -2.75 -10.74 15.02
CA ILE A 125 -2.30 -10.18 16.28
C ILE A 125 -2.15 -11.37 17.22
N ASP A 126 -0.95 -11.58 17.78
CA ASP A 126 -0.72 -12.66 18.76
C ASP A 126 -1.38 -14.00 18.38
N GLY A 127 -1.15 -14.44 17.15
CA GLY A 127 -1.59 -15.77 16.70
C GLY A 127 -3.02 -15.88 16.19
N GLY A 128 -3.81 -14.83 16.35
CA GLY A 128 -5.19 -14.83 15.86
C GLY A 128 -5.28 -13.94 14.64
N LEU A 129 -6.24 -14.23 13.77
CA LEU A 129 -6.47 -13.42 12.57
C LEU A 129 -7.70 -12.55 12.81
N TYR A 130 -7.51 -11.24 12.91
CA TYR A 130 -8.60 -10.35 13.34
C TYR A 130 -9.15 -9.42 12.26
N GLY A 131 -8.54 -9.44 11.10
CA GLY A 131 -9.03 -8.68 9.97
C GLY A 131 -8.45 -9.26 8.70
N ILE A 132 -9.21 -9.16 7.63
CA ILE A 132 -8.72 -9.58 6.32
C ILE A 132 -8.60 -8.35 5.41
N PRO A 133 -7.39 -8.12 4.85
CA PRO A 133 -7.22 -6.97 3.97
C PRO A 133 -8.21 -7.02 2.84
N ASN A 134 -8.79 -5.88 2.50
CA ASN A 134 -9.82 -5.84 1.47
C ASN A 134 -9.32 -5.33 0.12
N ALA A 135 -8.14 -4.71 0.11
CA ALA A 135 -7.56 -4.15 -1.10
C ALA A 135 -6.08 -3.91 -0.87
N LEU A 136 -5.33 -3.80 -1.95
CA LEU A 136 -3.88 -3.86 -1.92
C LEU A 136 -3.22 -2.72 -2.70
N ASN A 137 -1.99 -2.42 -2.31
CA ASN A 137 -1.10 -1.57 -3.09
C ASN A 137 0.33 -2.04 -2.86
N ASN A 138 1.22 -1.74 -3.80
CA ASN A 138 2.64 -1.98 -3.58
C ASN A 138 3.46 -1.11 -4.53
N TYR A 139 4.75 -1.02 -4.25
CA TYR A 139 5.66 -0.28 -5.10
C TYR A 139 5.86 -0.97 -6.45
N ALA A 140 6.07 -0.14 -7.46
CA ALA A 140 6.44 -0.60 -8.80
C ALA A 140 7.31 0.47 -9.43
N VAL A 141 8.10 0.05 -10.40
CA VAL A 141 8.70 0.98 -11.35
C VAL A 141 7.74 1.13 -12.50
N ILE A 142 7.29 2.36 -12.71
CA ILE A 142 6.41 2.72 -13.82
C ILE A 142 7.30 3.40 -14.84
N TYR A 143 7.38 2.84 -16.03
CA TYR A 143 8.36 3.30 -17.00
C TYR A 143 7.81 3.43 -18.42
N ASP A 144 8.40 4.35 -19.17
CA ASP A 144 8.12 4.55 -20.58
C ASP A 144 8.72 3.38 -21.35
N GLU A 145 7.85 2.51 -21.84
CA GLU A 145 8.28 1.30 -22.55
C GLU A 145 9.22 1.59 -23.70
N ALA A 146 8.83 2.52 -24.57
CA ALA A 146 9.62 2.81 -25.75
C ALA A 146 10.97 3.42 -25.39
N ALA A 147 11.01 4.27 -24.38
CA ALA A 147 12.29 4.84 -23.95
C ALA A 147 13.26 3.78 -23.43
N PHE A 148 12.76 2.90 -22.58
CA PHE A 148 13.61 1.88 -21.98
C PHE A 148 14.02 0.80 -22.98
N ALA A 149 13.19 0.57 -23.99
CA ALA A 149 13.56 -0.34 -25.07
C ALA A 149 14.83 0.13 -25.80
N LYS A 150 15.12 1.44 -25.77
CA LYS A 150 16.35 1.96 -26.35
C LYS A 150 17.61 1.48 -25.61
N ALA A 151 17.45 1.04 -24.37
CA ALA A 151 18.53 0.45 -23.59
C ALA A 151 18.40 -1.06 -23.50
N GLY A 152 17.48 -1.65 -24.26
CA GLY A 152 17.24 -3.08 -24.21
C GLY A 152 16.64 -3.57 -22.90
N TYR A 153 15.91 -2.69 -22.22
CA TYR A 153 15.22 -3.03 -20.98
C TYR A 153 13.73 -3.22 -21.24
N HIS A 154 13.20 -4.38 -20.85
CA HIS A 154 11.83 -4.75 -21.16
C HIS A 154 11.02 -5.20 -19.94
N GLY A 155 11.44 -4.75 -18.76
CA GLY A 155 10.63 -4.88 -17.56
C GLY A 155 11.00 -5.96 -16.56
N GLN A 156 12.09 -6.67 -16.83
CA GLN A 156 12.54 -7.71 -15.90
C GLN A 156 13.01 -7.08 -14.61
N ARG A 157 12.88 -7.82 -13.51
CA ARG A 157 13.36 -7.29 -12.25
C ARG A 157 14.89 -7.29 -12.25
N VAL A 158 15.49 -6.21 -11.77
CA VAL A 158 16.94 -6.09 -11.77
C VAL A 158 17.43 -5.64 -10.41
N SER A 159 18.75 -5.73 -10.22
CA SER A 159 19.37 -5.19 -9.01
C SER A 159 19.49 -3.67 -9.11
N TRP A 160 19.72 -3.04 -7.97
CA TRP A 160 19.94 -1.58 -7.96
C TRP A 160 21.10 -1.16 -8.88
N GLN A 161 22.20 -1.90 -8.85
CA GLN A 161 23.34 -1.56 -9.69
C GLN A 161 23.05 -1.81 -11.18
N GLN A 162 22.34 -2.89 -11.49
CA GLN A 162 21.93 -3.12 -12.85
C GLN A 162 20.98 -2.01 -13.34
N TRP A 163 20.06 -1.61 -12.47
CA TRP A 163 19.15 -0.53 -12.76
C TRP A 163 19.88 0.78 -13.03
N ALA A 164 20.84 1.14 -12.19
CA ALA A 164 21.62 2.37 -12.40
C ALA A 164 22.32 2.37 -13.76
N ASP A 165 22.81 1.20 -14.17
CA ASP A 165 23.43 1.07 -15.50
C ASP A 165 22.40 1.28 -16.63
N ILE A 166 21.23 0.70 -16.45
CA ILE A 166 20.14 0.86 -17.41
C ILE A 166 19.73 2.34 -17.51
N LEU A 167 19.57 2.99 -16.36
CA LEU A 167 19.19 4.40 -16.33
C LEU A 167 20.23 5.24 -17.08
N GLU A 168 21.51 4.97 -16.85
CA GLU A 168 22.57 5.68 -17.56
C GLU A 168 22.43 5.51 -19.08
N LYS A 169 22.14 4.30 -19.53
N LYS A 169 22.13 4.30 -19.52
CA LYS A 169 21.98 4.01 -20.95
CA LYS A 169 21.98 4.01 -20.95
C LYS A 169 20.76 4.71 -21.55
C LYS A 169 20.76 4.68 -21.57
N VAL A 170 19.66 4.73 -20.82
CA VAL A 170 18.44 5.41 -21.28
C VAL A 170 18.73 6.91 -21.41
N HIS A 171 19.32 7.50 -20.39
CA HIS A 171 19.67 8.93 -20.40
C HIS A 171 20.55 9.28 -21.59
N LYS A 172 21.54 8.43 -21.87
N LYS A 172 21.53 8.41 -21.88
CA LYS A 172 22.42 8.61 -23.03
CA LYS A 172 22.43 8.64 -23.02
C LYS A 172 21.64 8.64 -24.33
C LYS A 172 21.66 8.61 -24.35
N ALA A 173 20.67 7.73 -24.45
CA ALA A 173 19.88 7.61 -25.67
C ALA A 173 18.85 8.73 -25.85
N THR A 174 18.34 9.26 -24.74
CA THR A 174 17.21 10.20 -24.80
C THR A 174 17.58 11.64 -24.53
N GLY A 175 18.63 11.86 -23.76
CA GLY A 175 18.96 13.19 -23.23
C GLY A 175 17.99 13.70 -22.16
N LYS A 176 17.05 12.84 -21.74
CA LYS A 176 16.09 13.20 -20.71
C LYS A 176 16.47 12.47 -19.43
N TRP A 177 15.84 12.83 -18.33
CA TRP A 177 16.04 12.08 -17.09
C TRP A 177 15.42 10.71 -17.26
N ALA A 178 16.15 9.68 -16.85
CA ALA A 178 15.67 8.32 -17.03
C ALA A 178 14.65 7.93 -15.96
N GLU A 179 14.79 8.50 -14.76
CA GLU A 179 13.83 8.31 -13.68
C GLU A 179 13.80 9.55 -12.82
N ASN A 180 12.70 9.72 -12.09
CA ASN A 180 12.63 10.71 -11.03
C ASN A 180 13.60 10.36 -9.92
N ASP A 181 13.95 11.34 -9.10
CA ASP A 181 14.75 11.08 -7.90
C ASP A 181 13.76 10.64 -6.84
N ASP A 182 13.60 9.32 -6.70
CA ASP A 182 12.50 8.73 -5.95
C ASP A 182 12.90 8.42 -4.50
N GLU A 183 13.42 9.44 -3.86
CA GLU A 183 13.77 9.36 -2.44
C GLU A 183 12.64 9.89 -1.58
N SER A 184 12.22 9.06 -0.66
CA SER A 184 11.19 9.37 0.31
C SER A 184 11.38 8.43 1.46
N TRP A 185 10.74 8.75 2.57
CA TRP A 185 10.80 7.90 3.75
C TRP A 185 10.34 6.48 3.44
N GLN A 186 9.27 6.33 2.67
CA GLN A 186 8.79 4.98 2.41
C GLN A 186 9.64 4.24 1.36
N THR A 187 10.23 4.92 0.37
CA THR A 187 11.16 4.17 -0.49
C THR A 187 12.44 3.81 0.27
N PHE A 188 12.85 4.67 1.21
CA PHE A 188 13.93 4.27 2.09
C PHE A 188 13.54 3.04 2.92
N GLY A 189 12.28 2.96 3.36
CA GLY A 189 11.79 1.80 4.07
C GLY A 189 12.01 0.50 3.31
N TYR A 190 11.78 0.54 2.02
CA TYR A 190 12.03 -0.58 1.11
C TYR A 190 13.51 -0.97 1.11
N TRP A 191 14.39 0.01 0.94
CA TRP A 191 15.84 -0.18 1.02
C TRP A 191 16.28 -0.75 2.37
N ALA A 192 15.77 -0.17 3.45
CA ALA A 192 16.13 -0.65 4.77
C ALA A 192 15.77 -2.11 4.94
N ARG A 193 14.57 -2.48 4.50
CA ARG A 193 14.11 -3.86 4.61
C ARG A 193 15.02 -4.82 3.83
N GLN A 194 15.50 -4.38 2.67
CA GLN A 194 16.46 -5.18 1.89
C GLN A 194 17.76 -5.43 2.63
N HIS A 195 18.11 -4.52 3.55
CA HIS A 195 19.31 -4.64 4.35
C HIS A 195 19.07 -5.25 5.71
N GLY A 196 17.94 -5.94 5.85
CA GLY A 196 17.62 -6.66 7.08
C GLY A 196 17.24 -5.74 8.22
N GLN A 197 16.84 -4.53 7.87
CA GLN A 197 16.52 -3.48 8.84
C GLN A 197 15.11 -2.94 8.55
N HIS A 198 14.71 -1.91 9.29
CA HIS A 198 13.35 -1.38 9.20
C HIS A 198 13.38 0.10 9.52
N LEU A 199 12.38 0.85 9.09
CA LEU A 199 12.30 2.25 9.52
C LEU A 199 12.33 2.35 11.05
N TYR A 200 11.54 1.50 11.71
CA TYR A 200 11.46 1.50 13.18
C TYR A 200 11.75 0.13 13.73
N ASN A 201 12.16 0.09 14.99
CA ASN A 201 12.11 -1.19 15.68
C ASN A 201 10.63 -1.58 15.91
N ALA A 202 10.38 -2.81 16.35
CA ALA A 202 9.02 -3.34 16.38
C ALA A 202 8.05 -2.53 17.26
N SER A 203 8.57 -1.97 18.34
CA SER A 203 7.77 -1.18 19.30
C SER A 203 7.67 0.30 18.93
N GLY A 204 8.46 0.73 17.95
CA GLY A 204 8.49 2.13 17.55
C GLY A 204 9.18 3.02 18.58
N THR A 205 10.10 2.46 19.38
CA THR A 205 10.84 3.24 20.38
C THR A 205 12.15 3.82 19.84
N LYS A 206 12.62 3.30 18.71
CA LYS A 206 13.77 3.87 18.03
C LYS A 206 13.75 3.50 16.56
N LEU A 207 14.63 4.13 15.80
CA LEU A 207 14.79 3.79 14.40
C LEU A 207 15.33 2.38 14.31
N GLY A 208 14.95 1.67 13.25
CA GLY A 208 15.31 0.28 13.09
C GLY A 208 16.40 0.02 12.07
N PHE A 209 17.14 1.05 11.70
CA PHE A 209 18.22 0.92 10.72
C PHE A 209 19.46 1.67 11.19
N THR A 210 20.57 1.41 10.54
CA THR A 210 21.86 2.01 10.88
C THR A 210 22.19 3.16 9.94
N GLU A 211 23.14 4.00 10.35
CA GLU A 211 23.59 5.11 9.52
C GLU A 211 24.10 4.64 8.17
N SER A 212 24.85 3.55 8.18
N SER A 212 24.86 3.54 8.14
CA SER A 212 25.42 2.98 6.96
CA SER A 212 25.43 3.03 6.89
C SER A 212 24.35 2.69 5.92
C SER A 212 24.35 2.67 5.88
N THR A 213 23.25 2.10 6.36
CA THR A 213 22.14 1.76 5.47
C THR A 213 21.53 3.00 4.82
N LEU A 214 21.35 4.06 5.60
CA LEU A 214 20.81 5.30 5.06
C LEU A 214 21.81 5.99 4.14
N VAL A 215 23.09 6.03 4.54
CA VAL A 215 24.10 6.67 3.70
C VAL A 215 24.25 5.94 2.36
N SER A 216 24.16 4.63 2.34
CA SER A 216 24.30 3.90 1.07
C SER A 216 23.12 4.22 0.13
N TYR A 217 21.92 4.38 0.71
CA TYR A 217 20.75 4.79 -0.07
C TYR A 217 20.94 6.19 -0.62
N LEU A 218 21.33 7.11 0.24
CA LEU A 218 21.54 8.48 -0.20
C LEU A 218 22.62 8.59 -1.28
N ASN A 219 23.70 7.82 -1.13
CA ASN A 219 24.78 7.81 -2.12
C ASN A 219 24.36 7.24 -3.45
N TYR A 220 23.49 6.25 -3.41
CA TYR A 220 22.98 5.66 -4.65
C TYR A 220 22.32 6.73 -5.50
N TRP A 221 21.42 7.48 -4.90
CA TRP A 221 20.71 8.54 -5.65
C TRP A 221 21.62 9.71 -5.97
N ALA A 222 22.53 10.04 -5.05
CA ALA A 222 23.48 11.13 -5.30
C ALA A 222 24.33 10.84 -6.54
N ASN A 223 24.74 9.59 -6.71
CA ASN A 223 25.52 9.22 -7.89
C ASN A 223 24.71 9.40 -9.18
N LEU A 224 23.43 9.03 -9.13
CA LEU A 224 22.57 9.22 -10.30
C LEU A 224 22.36 10.71 -10.61
N ARG A 225 22.24 11.53 -9.57
CA ARG A 225 22.12 12.99 -9.78
C ARG A 225 23.38 13.56 -10.43
N LYS A 226 24.55 13.15 -9.91
CA LYS A 226 25.86 13.60 -10.41
C LYS A 226 26.00 13.35 -11.91
N GLU A 227 25.50 12.21 -12.37
CA GLU A 227 25.56 11.81 -13.77
C GLU A 227 24.43 12.39 -14.62
N GLY A 228 23.51 13.13 -14.01
CA GLY A 228 22.42 13.77 -14.74
C GLY A 228 21.31 12.82 -15.17
N VAL A 229 21.25 11.66 -14.53
CA VAL A 229 20.33 10.61 -14.91
C VAL A 229 18.96 10.76 -14.23
N VAL A 230 18.95 11.37 -13.05
CA VAL A 230 17.70 11.77 -12.37
C VAL A 230 17.76 13.29 -12.18
N PRO A 231 16.62 13.92 -11.91
CA PRO A 231 16.62 15.39 -11.88
C PRO A 231 17.40 15.94 -10.71
N PRO A 232 17.88 17.19 -10.83
CA PRO A 232 18.54 17.87 -9.70
C PRO A 232 17.54 18.22 -8.60
N GLY A 233 18.05 18.53 -7.41
CA GLY A 233 17.19 18.81 -6.28
C GLY A 233 16.24 19.96 -6.50
N THR A 234 16.68 20.95 -7.27
CA THR A 234 15.86 22.12 -7.55
C THR A 234 14.62 21.76 -8.38
N VAL A 235 14.73 20.75 -9.23
CA VAL A 235 13.59 20.24 -9.99
C VAL A 235 12.71 19.37 -9.10
N THR A 236 13.34 18.47 -8.38
CA THR A 236 12.60 17.56 -7.48
C THR A 236 11.78 18.32 -6.45
N SER A 237 12.32 19.44 -5.98
CA SER A 237 11.66 20.24 -4.95
C SER A 237 10.31 20.81 -5.41
N LEU A 238 10.11 20.94 -6.72
CA LEU A 238 8.86 21.47 -7.28
C LEU A 238 7.74 20.43 -7.32
N ILE A 239 8.07 19.16 -7.15
CA ILE A 239 7.06 18.12 -7.29
C ILE A 239 6.12 18.11 -6.09
N LYS A 240 4.84 18.34 -6.34
CA LYS A 240 3.83 18.35 -5.27
C LYS A 240 3.37 16.93 -4.89
N GLN A 241 3.09 16.11 -5.89
CA GLN A 241 2.65 14.74 -5.69
C GLN A 241 2.95 13.96 -6.96
N THR A 242 3.13 12.65 -6.82
CA THR A 242 3.17 11.80 -7.99
C THR A 242 1.93 12.03 -8.86
N ALA A 243 2.16 12.12 -10.16
CA ALA A 243 1.10 12.24 -11.16
C ALA A 243 0.47 13.64 -11.23
N ASP A 244 0.94 14.56 -10.38
CA ASP A 244 0.58 15.99 -10.45
C ASP A 244 1.21 16.57 -11.70
N PRO A 245 0.67 17.68 -12.23
CA PRO A 245 1.39 18.36 -13.34
C PRO A 245 2.85 18.74 -13.06
N THR A 246 3.23 18.88 -11.79
CA THR A 246 4.62 19.17 -11.42
C THR A 246 5.56 17.95 -11.45
N ASP A 247 5.01 16.76 -11.67
CA ASP A 247 5.79 15.53 -11.76
C ASP A 247 6.52 15.51 -13.11
N PRO A 248 7.86 15.40 -13.10
CA PRO A 248 8.57 15.43 -14.40
C PRO A 248 8.13 14.36 -15.38
N VAL A 250 5.00 13.43 -15.86
CA VAL A 250 3.83 14.05 -16.49
C VAL A 250 4.23 15.13 -17.50
N GLN A 251 5.34 15.81 -17.23
CA GLN A 251 5.86 16.84 -18.12
C GLN A 251 6.64 16.29 -19.32
N GLY A 252 6.87 14.99 -19.32
CA GLY A 252 7.66 14.34 -20.37
C GLY A 252 9.16 14.50 -20.25
N LYS A 253 9.61 14.95 -19.08
N LYS A 253 9.62 14.96 -19.08
CA LYS A 253 11.02 15.24 -18.84
CA LYS A 253 11.03 15.24 -18.85
C LYS A 253 11.74 14.06 -18.21
C LYS A 253 11.74 14.06 -18.21
N SER A 254 10.98 13.14 -17.64
CA SER A 254 11.52 11.93 -17.02
C SER A 254 10.80 10.72 -17.61
N ASP A 255 11.49 9.59 -17.67
CA ASP A 255 10.95 8.41 -18.32
C ASP A 255 10.55 7.28 -17.39
N ALA A 256 10.62 7.50 -16.08
CA ALA A 256 10.24 6.46 -15.10
C ALA A 256 10.07 7.05 -13.73
N GLU A 257 9.34 6.31 -12.89
CA GLU A 257 9.12 6.68 -11.52
C GLU A 257 8.87 5.42 -10.69
N LEU A 258 9.56 5.32 -9.55
CA LEU A 258 9.35 4.28 -8.56
C LEU A 258 8.31 4.82 -7.60
N THR A 259 7.11 4.25 -7.63
CA THR A 259 6.02 4.76 -6.80
C THR A 259 4.99 3.68 -6.60
N TRP A 260 3.88 4.02 -5.95
CA TRP A 260 2.81 3.06 -5.74
C TRP A 260 2.15 2.70 -7.06
N VAL A 261 1.88 1.41 -7.23
CA VAL A 261 1.40 0.92 -8.51
C VAL A 261 0.06 1.53 -8.92
N ASN A 262 -0.75 1.93 -7.94
CA ASN A 262 -2.05 2.56 -8.17
C ASN A 262 -1.98 3.80 -9.05
N TYR A 263 -0.82 4.46 -9.03
CA TYR A 263 -0.63 5.67 -9.82
C TYR A 263 -0.59 5.43 -11.32
N VAL A 264 -0.45 4.17 -11.77
CA VAL A 264 -0.34 3.95 -13.21
C VAL A 264 -1.59 4.43 -13.97
N VAL A 265 -2.77 4.33 -13.37
CA VAL A 265 -3.98 4.76 -14.05
C VAL A 265 -3.95 6.27 -14.27
N SER A 266 -3.67 7.01 -13.21
CA SER A 266 -3.55 8.47 -13.28
C SER A 266 -2.45 8.90 -14.25
N LEU A 267 -1.27 8.32 -14.13
CA LEU A 267 -0.16 8.68 -15.00
C LEU A 267 -0.49 8.40 -16.45
N GLN A 268 -1.05 7.23 -16.72
CA GLN A 268 -1.32 6.88 -18.11
C GLN A 268 -2.36 7.80 -18.74
N SER A 269 -3.31 8.27 -17.93
CA SER A 269 -4.34 9.22 -18.40
C SER A 269 -3.78 10.57 -18.83
N GLU A 270 -2.56 10.89 -18.41
CA GLU A 270 -1.94 12.19 -18.64
C GLU A 270 -1.01 12.20 -19.85
N THR A 272 0.23 10.08 -23.80
CA THR A 272 -0.06 9.07 -24.81
C THR A 272 0.98 7.96 -24.88
N ARG A 273 2.19 8.22 -24.39
CA ARG A 273 3.23 7.19 -24.39
C ARG A 273 2.83 6.05 -23.48
N SER A 274 3.07 4.84 -23.97
CA SER A 274 2.67 3.64 -23.25
C SER A 274 3.58 3.38 -22.05
N LEU A 275 2.94 3.19 -20.90
CA LEU A 275 3.65 2.88 -19.67
C LEU A 275 3.56 1.40 -19.32
N ALA A 276 4.64 0.88 -18.76
CA ALA A 276 4.70 -0.50 -18.30
C ALA A 276 5.21 -0.50 -16.87
N LEU A 277 5.10 -1.67 -16.26
CA LEU A 277 5.39 -1.87 -14.85
C LEU A 277 6.41 -2.96 -14.62
N ALA A 278 7.33 -2.68 -13.71
CA ALA A 278 8.30 -3.66 -13.23
C ALA A 278 8.27 -3.69 -11.73
N LEU A 279 8.64 -4.83 -11.14
CA LEU A 279 8.88 -4.84 -9.70
C LEU A 279 10.12 -4.00 -9.40
N PRO A 280 10.16 -3.38 -8.21
CA PRO A 280 11.30 -2.52 -7.90
C PRO A 280 12.61 -3.28 -7.72
N PRO A 281 13.73 -2.58 -7.88
CA PRO A 281 15.01 -3.29 -7.93
C PRO A 281 15.39 -3.98 -6.63
N THR A 282 16.22 -4.99 -6.77
CA THR A 282 16.64 -5.81 -5.67
C THR A 282 18.05 -5.46 -5.18
N GLN A 283 18.35 -5.92 -3.96
CA GLN A 283 19.67 -5.78 -3.39
C GLN A 283 20.37 -7.15 -3.33
N PRO A 284 21.42 -7.33 -4.12
CA PRO A 284 22.18 -8.58 -4.02
C PRO A 284 22.76 -8.77 -2.62
N GLY A 285 22.61 -9.99 -2.09
CA GLY A 285 23.01 -10.30 -0.72
C GLY A 285 22.02 -9.77 0.32
N GLY A 286 20.92 -9.18 -0.15
CA GLY A 286 19.90 -8.63 0.72
C GLY A 286 18.70 -9.54 0.93
N GLU A 287 17.74 -9.02 1.68
CA GLU A 287 16.45 -9.64 1.92
C GLU A 287 15.47 -9.02 0.94
N GLU A 288 14.27 -9.57 0.86
CA GLU A 288 13.23 -8.97 0.03
C GLU A 288 12.69 -7.73 0.71
N GLY A 289 12.74 -6.60 0.00
CA GLY A 289 12.18 -5.36 0.50
C GLY A 289 10.68 -5.22 0.30
N LEU A 290 10.15 -5.85 -0.74
CA LEU A 290 8.78 -5.57 -1.14
C LEU A 290 7.79 -6.12 -0.13
N TYR A 291 6.75 -5.34 0.11
CA TYR A 291 5.59 -5.75 0.90
C TYR A 291 4.36 -5.27 0.16
N ILE A 292 3.23 -5.87 0.49
CA ILE A 292 1.94 -5.43 0.02
C ILE A 292 1.30 -4.63 1.15
N LYS A 293 0.85 -3.43 0.85
CA LYS A 293 0.21 -2.59 1.85
C LYS A 293 -1.27 -2.89 1.82
N PRO A 294 -1.85 -3.33 2.96
CA PRO A 294 -3.29 -3.49 3.02
C PRO A 294 -3.98 -2.13 3.14
N SER A 295 -4.92 -1.85 2.25
CA SER A 295 -5.57 -0.54 2.28
C SER A 295 -6.40 -0.40 3.56
N GLN A 296 -7.14 -1.45 3.85
CA GLN A 296 -8.07 -1.52 4.97
C GLN A 296 -8.35 -2.99 5.19
N PHE A 297 -9.16 -3.29 6.19
CA PHE A 297 -9.51 -4.66 6.56
C PHE A 297 -11.01 -4.78 6.78
N TRP A 298 -11.53 -5.97 6.56
CA TRP A 298 -12.83 -6.36 7.08
C TRP A 298 -12.61 -7.14 8.39
N SER A 299 -13.33 -6.74 9.43
CA SER A 299 -13.30 -7.41 10.71
C SER A 299 -14.75 -7.70 11.16
N ILE A 300 -14.90 -8.67 12.03
CA ILE A 300 -16.18 -9.05 12.57
C ILE A 300 -16.15 -8.88 14.10
N TYR A 301 -17.27 -8.39 14.65
CA TYR A 301 -17.41 -8.23 16.09
C TYR A 301 -17.30 -9.56 16.80
N SER A 302 -16.47 -9.63 17.85
CA SER A 302 -16.27 -10.87 18.58
C SER A 302 -17.58 -11.41 19.14
N LYS A 303 -18.50 -10.52 19.46
CA LYS A 303 -19.76 -10.91 20.12
C LYS A 303 -20.96 -10.88 19.20
N THR A 304 -20.72 -10.91 17.89
CA THR A 304 -21.83 -10.95 16.97
C THR A 304 -22.70 -12.17 17.26
N LYS A 305 -24.02 -11.99 17.18
CA LYS A 305 -24.95 -13.09 17.31
C LYS A 305 -24.97 -14.00 16.08
N TYR A 306 -24.41 -13.51 14.97
CA TYR A 306 -24.53 -14.17 13.67
C TYR A 306 -23.19 -14.37 12.98
N PRO A 307 -22.28 -15.09 13.64
CA PRO A 307 -20.96 -15.26 13.03
C PRO A 307 -20.94 -15.97 11.68
N GLN A 308 -21.82 -16.94 11.47
N GLN A 308 -21.83 -16.94 11.47
CA GLN A 308 -21.86 -17.65 10.19
CA GLN A 308 -21.87 -17.65 10.19
C GLN A 308 -22.27 -16.71 9.05
C GLN A 308 -22.27 -16.71 9.06
N GLN A 309 -23.29 -15.90 9.28
CA GLN A 309 -23.75 -14.95 8.27
C GLN A 309 -22.72 -13.83 8.08
N ALA A 310 -22.06 -13.43 9.17
CA ALA A 310 -21.02 -12.39 9.10
C ALA A 310 -19.86 -12.87 8.22
N GLU A 311 -19.44 -14.11 8.42
CA GLU A 311 -18.39 -14.71 7.60
C GLU A 311 -18.83 -14.76 6.12
N LEU A 312 -20.06 -15.15 5.88
N LEU A 312 -20.06 -15.17 5.86
CA LEU A 312 -20.59 -15.21 4.52
CA LEU A 312 -20.59 -15.18 4.48
C LEU A 312 -20.56 -13.82 3.84
C LEU A 312 -20.50 -13.80 3.85
N PHE A 313 -20.89 -12.78 4.60
CA PHE A 313 -20.85 -11.41 4.09
C PHE A 313 -19.42 -10.97 3.77
N VAL A 314 -18.50 -11.19 4.71
CA VAL A 314 -17.11 -10.86 4.48
C VAL A 314 -16.56 -11.64 3.28
N ASN A 315 -16.89 -12.91 3.18
CA ASN A 315 -16.43 -13.70 2.07
C ASN A 315 -16.94 -13.18 0.73
N PHE A 316 -18.19 -12.73 0.71
CA PHE A 316 -18.79 -12.10 -0.47
C PHE A 316 -18.01 -10.86 -0.89
N LEU A 317 -17.74 -9.98 0.06
CA LEU A 317 -16.97 -8.77 -0.23
C LEU A 317 -15.58 -9.08 -0.77
N LEU A 318 -14.96 -10.12 -0.24
CA LEU A 318 -13.63 -10.51 -0.65
C LEU A 318 -13.58 -11.20 -2.00
N ASN A 319 -14.52 -12.11 -2.24
CA ASN A 319 -14.37 -13.10 -3.32
C ASN A 319 -15.42 -13.09 -4.40
N ASN A 320 -16.51 -12.39 -4.19
CA ASN A 320 -17.59 -12.43 -5.17
C ASN A 320 -17.34 -11.44 -6.28
N VAL A 321 -17.51 -11.88 -7.54
CA VAL A 321 -17.25 -11.01 -8.68
C VAL A 321 -18.24 -9.84 -8.79
N GLN A 322 -19.49 -10.03 -8.35
CA GLN A 322 -20.47 -8.91 -8.35
C GLN A 322 -20.04 -7.84 -7.34
N ALA A 323 -19.55 -8.27 -6.19
CA ALA A 323 -18.94 -7.36 -5.25
C ALA A 323 -17.74 -6.66 -5.85
N GLY A 324 -16.88 -7.43 -6.54
CA GLY A 324 -15.67 -6.88 -7.13
C GLY A 324 -15.95 -5.79 -8.13
N LYS A 325 -16.96 -6.03 -8.98
CA LYS A 325 -17.40 -5.03 -9.95
C LYS A 325 -17.95 -3.77 -9.28
N ALA A 326 -18.74 -3.97 -8.23
CA ALA A 326 -19.31 -2.84 -7.50
C ALA A 326 -18.22 -2.03 -6.80
N LEU A 327 -17.30 -2.72 -6.12
CA LEU A 327 -16.25 -2.06 -5.32
C LEU A 327 -15.21 -1.39 -6.18
N GLY A 328 -14.94 -1.99 -7.34
CA GLY A 328 -13.94 -1.47 -8.27
C GLY A 328 -12.55 -1.38 -7.68
N LEU A 329 -11.84 -0.32 -8.03
CA LEU A 329 -10.46 -0.09 -7.61
C LEU A 329 -10.37 1.06 -6.62
N VAL A 330 -11.51 1.46 -6.07
CA VAL A 330 -11.61 2.63 -5.25
C VAL A 330 -10.67 2.55 -4.02
N ARG A 331 -10.67 1.40 -3.34
CA ARG A 331 -9.81 1.19 -2.16
C ARG A 331 -8.41 0.68 -2.48
N GLY A 332 -8.19 0.30 -3.73
CA GLY A 332 -6.96 -0.32 -4.16
C GLY A 332 -7.23 -1.52 -5.05
N ILE A 333 -6.19 -2.31 -5.27
N ILE A 333 -6.20 -2.32 -5.26
CA ILE A 333 -6.28 -3.51 -6.08
CA ILE A 333 -6.30 -3.50 -6.11
C ILE A 333 -7.03 -4.60 -5.31
C ILE A 333 -7.00 -4.62 -5.33
N PRO A 334 -7.96 -5.31 -5.95
CA PRO A 334 -8.69 -6.36 -5.23
C PRO A 334 -7.76 -7.39 -4.61
N VAL A 335 -8.08 -7.77 -3.38
CA VAL A 335 -7.24 -8.69 -2.65
C VAL A 335 -7.31 -10.14 -3.16
N SER A 336 -8.45 -10.51 -3.73
CA SER A 336 -8.70 -11.89 -4.13
C SER A 336 -8.17 -12.20 -5.52
N SER A 337 -7.40 -13.27 -5.65
CA SER A 337 -6.90 -13.69 -6.97
C SER A 337 -8.02 -14.04 -7.94
N SER A 338 -9.11 -14.61 -7.43
CA SER A 338 -10.23 -14.97 -8.31
C SER A 338 -10.94 -13.72 -8.86
N VAL A 339 -11.09 -12.70 -8.01
CA VAL A 339 -11.72 -11.45 -8.43
C VAL A 339 -10.82 -10.76 -9.45
N ARG A 340 -9.52 -10.70 -9.19
CA ARG A 340 -8.60 -10.11 -10.16
C ARG A 340 -8.70 -10.81 -11.51
N THR A 341 -8.71 -12.15 -11.49
CA THR A 341 -8.80 -12.93 -12.74
C THR A 341 -10.07 -12.58 -13.53
N GLN A 342 -11.19 -12.55 -12.83
CA GLN A 342 -12.47 -12.29 -13.47
C GLN A 342 -12.59 -10.84 -13.95
N LEU A 343 -12.02 -9.89 -13.21
CA LEU A 343 -12.05 -8.49 -13.64
C LEU A 343 -11.07 -8.22 -14.79
N ALA A 345 -10.52 -10.38 -17.15
CA ALA A 345 -11.26 -10.91 -18.31
C ALA A 345 -12.28 -9.90 -18.83
N SER A 346 -12.90 -9.17 -17.90
CA SER A 346 -13.90 -8.17 -18.24
C SER A 346 -14.17 -7.22 -17.08
N GLY A 347 -14.07 -5.92 -17.35
CA GLY A 347 -14.33 -4.89 -16.36
C GLY A 347 -13.12 -4.06 -15.96
N THR A 348 -12.03 -4.16 -16.72
CA THR A 348 -10.82 -3.36 -16.47
C THR A 348 -10.28 -2.73 -17.76
N SER A 349 -9.74 -1.51 -17.62
CA SER A 349 -8.99 -0.85 -18.69
C SER A 349 -7.59 -1.46 -18.84
N ALA A 350 -6.87 -1.09 -19.89
CA ALA A 350 -5.51 -1.60 -20.10
C ALA A 350 -4.56 -1.29 -18.92
N PRO A 351 -4.55 -0.04 -18.42
CA PRO A 351 -3.66 0.21 -17.27
C PRO A 351 -4.05 -0.58 -16.01
N GLU A 352 -5.35 -0.76 -15.79
CA GLU A 352 -5.82 -1.58 -14.66
C GLU A 352 -5.36 -3.04 -14.82
N LYS A 353 -5.49 -3.60 -16.02
N LYS A 353 -5.49 -3.60 -16.02
CA LYS A 353 -5.01 -4.96 -16.29
CA LYS A 353 -5.01 -4.97 -16.25
C LYS A 353 -3.53 -5.08 -15.96
C LYS A 353 -3.52 -5.09 -15.96
N ALA A 354 -2.75 -4.08 -16.38
CA ALA A 354 -1.32 -4.05 -16.12
C ALA A 354 -1.03 -4.06 -14.62
N GLU A 355 -1.78 -3.26 -13.88
CA GLU A 355 -1.66 -3.20 -12.42
C GLU A 355 -1.91 -4.57 -11.82
N PHE A 356 -2.98 -5.24 -12.26
CA PHE A 356 -3.33 -6.55 -11.71
C PHE A 356 -2.22 -7.55 -11.99
N GLN A 357 -1.67 -7.52 -13.20
CA GLN A 357 -0.58 -8.42 -13.55
C GLN A 357 0.65 -8.17 -12.68
N LEU A 358 0.96 -6.90 -12.46
CA LEU A 358 2.11 -6.55 -11.63
C LEU A 358 1.88 -7.06 -10.20
N VAL A 359 0.67 -6.85 -9.67
CA VAL A 359 0.39 -7.28 -8.29
C VAL A 359 0.53 -8.80 -8.20
N ASN A 360 0.08 -9.54 -9.21
CA ASN A 360 0.28 -10.98 -9.19
C ASN A 360 1.75 -11.38 -9.08
N GLU A 361 2.64 -10.67 -9.77
CA GLU A 361 4.07 -10.90 -9.63
C GLU A 361 4.61 -10.45 -8.27
N ALA A 362 4.10 -9.33 -7.76
CA ALA A 362 4.50 -8.84 -6.44
C ALA A 362 4.17 -9.83 -5.36
N LEU A 363 3.01 -10.47 -5.47
CA LEU A 363 2.57 -11.41 -4.44
C LEU A 363 3.46 -12.64 -4.34
N LYS A 364 4.15 -12.97 -5.43
CA LYS A 364 5.09 -14.10 -5.40
C LYS A 364 6.32 -13.84 -4.51
N VAL A 365 6.73 -12.59 -4.39
CA VAL A 365 7.95 -12.24 -3.66
C VAL A 365 7.73 -11.51 -2.34
N ALA A 366 6.59 -10.85 -2.17
CA ALA A 366 6.45 -9.89 -1.08
C ALA A 366 6.48 -10.59 0.28
N THR A 367 7.05 -9.93 1.25
CA THR A 367 7.03 -10.42 2.62
C THR A 367 6.12 -9.52 3.43
N PRO A 368 5.78 -9.92 4.67
CA PRO A 368 4.83 -9.12 5.42
C PRO A 368 5.27 -7.69 5.67
N ILE A 369 4.30 -6.80 5.67
CA ILE A 369 4.51 -5.40 6.02
C ILE A 369 5.03 -5.30 7.46
N ASP A 370 5.83 -4.27 7.72
CA ASP A 370 6.31 -3.99 9.07
C ASP A 370 5.15 -3.67 9.99
N PRO A 371 5.36 -3.82 11.31
CA PRO A 371 4.32 -3.40 12.24
C PRO A 371 3.92 -1.93 12.08
N PRO A 372 2.72 -1.56 12.57
CA PRO A 372 2.28 -0.18 12.43
C PRO A 372 3.29 0.78 13.07
N PRO A 373 3.48 1.97 12.49
CA PRO A 373 4.48 2.89 13.00
C PRO A 373 4.06 3.61 14.27
N PRO A 374 5.03 4.18 15.00
CA PRO A 374 4.74 5.03 16.17
C PRO A 374 4.05 6.33 15.79
N GLN A 375 3.53 7.03 16.79
N GLN A 375 3.49 7.04 16.76
CA GLN A 375 2.70 8.23 16.60
CA GLN A 375 2.66 8.20 16.47
C GLN A 375 3.41 9.37 15.88
C GLN A 375 3.40 9.42 15.89
N HIS A 376 4.72 9.45 16.06
CA HIS A 376 5.53 10.54 15.46
C HIS A 376 5.89 10.32 13.98
N ASP A 377 5.36 9.27 13.35
CA ASP A 377 5.75 8.94 11.97
C ASP A 377 5.56 10.06 10.96
N LYS A 378 4.45 10.78 11.05
CA LYS A 378 4.17 11.87 10.12
C LYS A 378 5.27 12.95 10.18
N GLU A 379 5.63 13.35 11.40
CA GLU A 379 6.69 14.34 11.60
C GLU A 379 8.04 13.84 11.12
N ILE A 380 8.36 12.60 11.48
CA ILE A 380 9.63 11.96 11.08
C ILE A 380 9.73 11.85 9.56
N ASP A 381 8.64 11.46 8.92
CA ASP A 381 8.56 11.40 7.46
C ASP A 381 8.88 12.77 6.85
N GLN A 382 8.27 13.82 7.41
CA GLN A 382 8.53 15.18 6.94
C GLN A 382 9.98 15.57 7.17
N ASP A 383 10.52 15.25 8.35
CA ASP A 383 11.94 15.53 8.64
C ASP A 383 12.85 14.80 7.64
N PHE A 384 12.50 13.57 7.29
CA PHE A 384 13.30 12.83 6.33
C PHE A 384 13.30 13.52 4.98
N ALA A 385 12.11 13.89 4.52
CA ALA A 385 11.98 14.60 3.24
C ALA A 385 12.82 15.89 3.24
N ASN A 386 12.80 16.61 4.36
CA ASN A 386 13.56 17.86 4.46
C ASN A 386 15.08 17.58 4.40
N VAL A 388 16.44 14.92 2.96
CA VAL A 388 16.72 14.48 1.60
C VAL A 388 16.86 15.69 0.69
N GLN A 389 15.96 16.65 0.84
N GLN A 389 15.96 16.65 0.84
CA GLN A 389 16.01 17.89 0.07
CA GLN A 389 16.01 17.89 0.08
C GLN A 389 17.33 18.65 0.30
C GLN A 389 17.34 18.62 0.30
N ALA A 390 17.77 18.74 1.57
CA ALA A 390 19.06 19.37 1.90
C ALA A 390 20.25 18.68 1.25
N VAL A 391 20.22 17.35 1.23
CA VAL A 391 21.25 16.57 0.57
C VAL A 391 21.21 16.80 -0.95
N GLN A 392 20.00 16.81 -1.53
CA GLN A 392 19.82 17.01 -2.98
C GLN A 392 20.30 18.39 -3.41
N TYR A 393 20.09 19.37 -2.53
CA TYR A 393 20.53 20.74 -2.78
C TYR A 393 22.04 20.93 -2.57
N GLY A 394 22.69 19.97 -1.95
CA GLY A 394 24.12 20.07 -1.67
C GLY A 394 24.42 20.88 -0.43
N LYS A 395 23.39 21.12 0.40
CA LYS A 395 23.57 21.87 1.63
C LYS A 395 24.24 21.05 2.71
N GLU A 396 24.07 19.72 2.69
CA GLU A 396 24.86 18.86 3.55
C GLU A 396 25.20 17.54 2.86
N THR A 397 26.23 16.88 3.37
CA THR A 397 26.65 15.60 2.81
C THR A 397 25.66 14.53 3.23
N PRO A 398 25.64 13.42 2.48
CA PRO A 398 24.83 12.27 2.88
C PRO A 398 25.09 11.84 4.31
N GLN A 399 26.36 11.74 4.70
CA GLN A 399 26.69 11.30 6.06
C GLN A 399 26.19 12.30 7.07
N GLN A 400 26.36 13.59 6.78
CA GLN A 400 25.91 14.66 7.68
C GLN A 400 24.39 14.64 7.84
N GLY A 401 23.68 14.52 6.72
CA GLY A 401 22.23 14.47 6.72
C GLY A 401 21.70 13.25 7.46
N ALA A 402 22.29 12.09 7.18
CA ALA A 402 21.91 10.85 7.87
C ALA A 402 22.08 11.01 9.39
N GLU A 403 23.25 11.47 9.83
N GLU A 403 23.26 11.47 9.82
CA GLU A 403 23.52 11.64 11.26
CA GLU A 403 23.53 11.62 11.25
C GLU A 403 22.55 12.58 11.93
C GLU A 403 22.57 12.59 11.94
N GLN A 404 22.32 13.72 11.29
CA GLN A 404 21.44 14.75 11.82
C GLN A 404 20.00 14.25 11.90
N PHE A 405 19.52 13.67 10.82
CA PHE A 405 18.15 13.14 10.78
C PHE A 405 17.91 12.08 11.85
N GLN A 407 19.62 11.39 14.68
CA GLN A 407 19.69 11.91 16.05
C GLN A 407 18.36 12.57 16.40
N GLU A 408 17.86 13.39 15.48
CA GLU A 408 16.59 14.09 15.65
C GLU A 408 15.41 13.13 15.86
N ALA A 409 15.28 12.17 14.96
CA ALA A 409 14.20 11.20 15.00
C ALA A 409 14.27 10.33 16.26
N ASN A 410 15.46 9.84 16.60
CA ASN A 410 15.62 9.01 17.80
C ASN A 410 15.31 9.77 19.08
N ASP A 411 15.67 11.06 19.11
CA ASP A 411 15.34 11.93 20.25
C ASP A 411 13.84 12.11 20.41
N LEU A 412 13.16 12.31 19.28
CA LEU A 412 11.72 12.43 19.26
C LEU A 412 11.03 11.13 19.70
N LEU A 413 11.50 9.99 19.18
CA LEU A 413 10.93 8.71 19.59
C LEU A 413 11.14 8.40 21.08
N GLN A 414 12.25 8.87 21.65
CA GLN A 414 12.57 8.61 23.06
C GLN A 414 11.79 9.54 23.99
N ASN A 415 11.47 10.74 23.49
CA ASN A 415 10.57 11.66 24.18
C ASN A 415 9.10 11.40 23.76
#